data_2KTT
#
_entry.id   2KTT
#
loop_
_entity.id
_entity.type
_entity.pdbx_description
1 polymer "5'-D(*AP*AP*CP*AP*AP*TP*TP*GP*TP*T)-3'"
2 non-polymer (11aS)-7-methoxy-8-(3-{4-[6-(4-methylpiperazin-1-yl)-1H-benzimidazol-2-yl]phenoxy}propoxy)-1,2,3,10,11,11a-hexahydro-5H-pyrrolo[2,1-c][1,4]benzodiazepin-5-one
#
_entity_poly.entity_id   1
_entity_poly.type   'polydeoxyribonucleotide'
_entity_poly.pdbx_seq_one_letter_code
;(DA)(DA)(DC)(DA)(DA)(DT)(DT)(DG)(DT)(DT)
;
_entity_poly.pdbx_strand_id   A,B
#
loop_
_chem_comp.id
_chem_comp.type
_chem_comp.name
_chem_comp.formula
DA DNA linking 2'-DEOXYADENOSINE-5'-MONOPHOSPHATE 'C10 H14 N5 O6 P'
DC DNA linking 2'-DEOXYCYTIDINE-5'-MONOPHOSPHATE 'C9 H14 N3 O7 P'
DG DNA linking 2'-DEOXYGUANOSINE-5'-MONOPHOSPHATE 'C10 H14 N5 O7 P'
DT DNA linking THYMIDINE-5'-MONOPHOSPHATE 'C10 H15 N2 O8 P'
PBH non-polymer (11aS)-7-methoxy-8-(3-{4-[6-(4-methylpiperazin-1-yl)-1H-benzimidazol-2-yl]phenoxy}propoxy)-1,2,3,10,11,11a-hexahydro-5H-pyrrolo[2,1-c][1,4]benzodiazepin-5-one 'C34 H40 N6 O4'
#
# COMPACT_ATOMS: atom_id res chain seq x y z
C1 PBH C . -5.10 10.66 1.50
O2 PBH C . 2.10 7.92 -0.36
C3 PBH C . -4.46 11.32 -0.72
N4 PBH C . -3.50 10.29 -0.26
O4 PBH C . 2.53 1.11 1.41
N5 PBH C . 1.14 -9.84 -0.96
O5 PBH C . -1.81 10.89 -1.60
N6 PBH C . -0.82 -11.77 -1.75
C7 PBH C . 0.73 7.88 -0.18
C9 PBH C . -1.22 6.61 0.43
N10 PBH C . -3.40 7.46 0.18
C11 PBH C . -4.44 8.30 0.79
C12 PBH C . 2.86 9.16 -0.24
C13 PBH C . 0.54 4.31 0.90
O13 PBH C . 1.01 5.62 0.55
C14 PBH C . 1.75 3.41 1.22
C15 PBH C . 1.38 1.93 1.09
C17 PBH C . 2.51 -0.28 1.29
C18 PBH C . 3.60 -1.02 1.71
C19 PBH C . 1.41 -0.94 0.73
C1A PBH C . -3.96 9.73 1.01
C20 PBH C . 3.61 -2.41 1.56
C21 PBH C . 1.43 -2.32 0.59
C22 PBH C . 2.52 -3.08 0.98
C23 PBH C . 2.50 -4.52 0.81
C24 PBH C . 1.83 -6.42 0.13
C25 PBH C . 2.97 -6.56 0.86
C26 PBH C . 1.18 -7.48 -0.49
C27 PBH C . 3.54 -7.81 1.03
C28 PBH C . 1.74 -8.76 -0.35
C29 PBH C . 2.92 -8.91 0.40
C2D PBH C . -5.68 11.24 0.21
C30 PBH C . 0.53 -9.76 -2.30
N30 PBH C . 3.41 -5.38 1.33
C31 PBH C . 1.19 -11.19 -0.38
C32 PBH C . -0.88 -10.36 -2.26
C33 PBH C . -0.23 -11.80 -0.37
C34 PBH C . -2.21 -12.34 -1.69
N40 PBH C . 1.49 -5.14 0.10
C5A PBH C . -1.48 8.90 -0.32
C5D PBH C . -2.27 10.11 -0.78
C6D PBH C . -0.09 8.96 -0.50
C8D PBH C . 0.16 6.69 0.27
C9A PBH C . -2.05 7.71 0.15
H1 PBH C . -5.84 10.16 2.11
H1A PBH C . -4.66 11.47 2.08
H3 PBH C . -4.76 11.13 -1.75
H3A PBH C . -3.99 12.30 -0.65
H9 PBH C . -1.68 5.69 0.78
HN10 PBH C . -3.69 6.47 0.14
H11 PBH C . -5.32 8.32 0.13
H12 PBH C . 2.56 9.85 -1.03
H12A PBH C . 2.67 9.61 0.74
H12B PBH C . 3.93 8.93 -0.34
H13 PBH C . -0.02 3.89 0.05
H13A PBH C . -0.11 4.37 1.78
H14 PBH C . 2.58 3.64 0.54
H14A PBH C . 2.09 3.62 2.24
H15 PBH C . 1.07 1.73 0.06
H15A PBH C . 0.56 1.68 1.77
H18 PBH C . 4.46 -0.52 2.15
H19 PBH C . 0.54 -0.40 0.40
H1AA PBH C . -3.14 9.72 1.73
H20 PBH C . 4.49 -2.96 1.87
H21 PBH C . 0.55 -2.80 0.16
H26 PBH C . 0.27 -7.31 -1.04
H27 PBH C . 4.45 -7.94 1.60
H29 PBH C . 3.39 -9.89 0.50
H2D PBH C . -6.42 10.56 -0.20
H2DA PBH C . -6.14 12.23 0.36
H30 PBH C . 1.14 -10.32 -3.01
H30A PBH C . 0.48 -8.74 -2.66
H31 PBH C . 1.86 -11.82 -0.98
H31A PBH C . 1.56 -11.15 0.64
H32 PBH C . -1.33 -10.37 -3.25
H32A PBH C . -1.52 -9.77 -1.59
H33 PBH C . -0.19 -12.83 -0.03
H33A PBH C . -0.87 -11.22 0.30
H34 PBH C . -2.62 -12.35 -2.70
H34A PBH C . -2.15 -13.38 -1.33
H34B PBH C . -2.85 -11.77 -1.02
HN40 PBH C . 0.88 -4.69 -0.58
H6D PBH C . 0.37 9.87 -0.89
C1 PBH C . -5.06 10.71 1.40
O2 PBH C . 2.37 7.76 -0.33
C3 PBH C . -4.11 11.39 -0.62
N4 PBH C . -3.26 10.30 -0.14
O4 PBH C . 2.38 0.95 1.54
N5 PBH C . 1.02 -9.98 -1.21
O5 PBH C . -1.59 10.98 -1.39
N6 PBH C . -0.74 -11.97 -2.22
C7 PBH C . 0.96 7.78 -0.09
C9 PBH C . -1.11 6.57 0.40
N10 PBH C . -3.22 7.46 0.11
C11 PBH C . -4.33 8.37 0.76
C12 PBH C . 3.09 9.02 -0.35
C13 PBH C . 0.40 4.25 1.11
O13 PBH C . 1.00 5.45 0.51
C14 PBH C . 1.56 3.36 1.50
C15 PBH C . 1.25 1.83 1.14
C17 PBH C . 2.39 -0.41 1.39
C18 PBH C . 3.40 -1.20 2.00
C19 PBH C . 1.35 -1.06 0.73
C1A PBH C . -3.89 9.82 1.04
C20 PBH C . 3.43 -2.60 1.85
C21 PBH C . 1.37 -2.46 0.56
C22 PBH C . 2.42 -3.25 1.03
C23 PBH C . 2.35 -4.67 0.78
C24 PBH C . 1.65 -6.59 0.10
C25 PBH C . 2.81 -6.70 0.80
C26 PBH C . 1.01 -7.66 -0.65
C27 PBH C . 3.33 -8.00 0.98
C28 PBH C . 1.62 -8.94 -0.60
C29 PBH C . 2.72 -9.06 0.23
C2D PBH C . -5.50 11.31 0.04
C30 PBH C . 0.47 -9.84 -2.54
N30 PBH C . 3.24 -5.52 1.31
C31 PBH C . 1.19 -11.42 -0.72
C32 PBH C . -0.92 -10.55 -2.64
C33 PBH C . -0.15 -12.12 -0.82
C34 PBH C . -2.06 -12.73 -2.20
N40 PBH C . 1.34 -5.31 0.07
C5A PBH C . -1.24 8.88 -0.21
C5D PBH C . -2.02 10.15 -0.59
C6D PBH C . 0.18 8.90 -0.39
C8D PBH C . 0.31 6.63 0.32
C9A PBH C . -1.85 7.69 0.14
H1 PBH C . -5.93 10.18 1.93
H1A PBH C . -4.66 11.55 2.07
H3 PBH C . -4.27 11.33 -1.68
H3A PBH C . -3.68 12.35 -0.26
H9 PBH C . -1.55 5.57 0.56
HN10 PBH C . -3.47 6.48 0.07
H11 PBH C . -5.05 8.34 -0.02
H12 PBH C . 2.58 9.67 -1.05
H12A PBH C . 3.24 9.54 0.63
H12B PBH C . 4.09 8.88 -0.78
H13 PBH C . -0.16 3.65 0.31
H13A PBH C . -0.26 4.40 1.91
H14 PBH C . 2.56 3.65 1.15
H14A PBH C . 1.68 3.44 2.58
H15 PBH C . 1.19 1.75 0.02
H15A PBH C . 0.36 1.52 1.64
H18 PBH C . 4.27 -0.73 2.50
H19 PBH C . 0.50 -0.45 0.37
H1AA PBH C . -3.12 9.77 1.84
H20 PBH C . 4.31 -3.10 2.30
H21 PBH C . 0.55 -2.87 -0.07
H26 PBH C . 0.10 -7.47 -1.13
H27 PBH C . 4.23 -8.17 1.63
H29 PBH C . 3.22 -10.05 0.34
H2D PBH C . -6.09 10.62 -0.60
H2DA PBH C . -6.06 12.17 0.10
H30 PBH C . 1.21 -10.29 -3.39
H30A PBH C . 0.42 -8.78 -2.77
H31 PBH C . 1.90 -12.00 -1.35
H31A PBH C . 1.52 -11.45 0.34
H32 PBH C . -1.43 -10.43 -3.58
H32A PBH C . -1.43 -10.07 -1.83
H33 PBH C . -0.13 -13.09 -0.43
H33A PBH C . -0.77 -11.55 -0.17
H34 PBH C . -2.40 -12.71 -3.25
H34A PBH C . -1.90 -13.77 -1.93
H34B PBH C . -2.72 -12.18 -1.53
HN40 PBH C . 0.73 -4.77 -0.60
H6D PBH C . 0.59 9.81 -0.81
C1 PBH C . -4.67 10.76 1.43
O2 PBH C . 2.50 7.44 0.12
C3 PBH C . -3.53 11.52 -0.49
N4 PBH C . -2.89 10.30 0.00
O4 PBH C . 2.62 0.59 1.49
N5 PBH C . 0.64 -10.28 -0.96
O5 PBH C . -1.05 10.87 -0.81
N6 PBH C . -0.08 -12.55 -2.55
C7 PBH C . 1.12 7.47 0.17
C9 PBH C . -0.94 6.26 0.57
N10 PBH C . -3.08 7.29 0.41
C11 PBH C . -4.10 8.20 0.82
C12 PBH C . 3.31 8.50 -0.47
C13 PBH C . 0.75 3.92 0.64
O13 PBH C . 1.28 5.31 0.67
C14 PBH C . 1.95 2.99 1.05
C15 PBH C . 1.56 1.50 0.94
C17 PBH C . 2.41 -0.81 1.40
C18 PBH C . 1.41 -1.40 0.67
C19 PBH C . 3.39 -1.64 1.91
C1A PBH C . -3.56 9.67 1.11
C20 PBH C . 1.40 -2.78 0.48
C21 PBH C . 3.36 -3.03 1.78
C22 PBH C . 2.41 -3.60 0.97
C23 PBH C . 2.32 -5.03 0.82
C24 PBH C . 1.57 -6.90 0.11
C25 PBH C . 2.64 -7.11 0.93
C26 PBH C . 0.85 -7.92 -0.47
C27 PBH C . 3.04 -8.41 1.07
C28 PBH C . 1.25 -9.25 -0.34
C29 PBH C . 2.38 -9.49 0.45
C2D PBH C . -4.92 11.60 0.16
C30 PBH C . 0.63 -11.63 -0.39
N30 PBH C . 3.04 -5.99 1.48
C31 PBH C . -0.29 -10.11 -2.11
C32 PBH C . 0.90 -12.71 -1.44
C33 PBH C . 0.00 -11.18 -3.20
C34 PBH C . 0.08 -13.64 -3.58
N40 PBH C . 1.30 -5.60 0.04
C5A PBH C . -1.03 8.63 0.08
C5D PBH C . -1.62 9.95 -0.28
C6D PBH C . 0.36 8.60 -0.11
C8D PBH C . 0.46 6.34 0.44
C9A PBH C . -1.71 7.42 0.37
H1 PBH C . -5.57 10.33 1.80
H1A PBH C . -4.28 11.55 2.10
H3 PBH C . -3.56 11.28 -1.53
H3A PBH C . -2.96 12.40 -0.09
H9 PBH C . -1.45 5.29 0.82
HN10 PBH C . -3.37 6.30 0.46
H11 PBH C . -4.90 8.13 0.01
H12 PBH C . 4.33 8.16 -0.57
H12A PBH C . 2.92 8.82 -1.47
H12B PBH C . 3.28 9.35 0.24
H13 PBH C . 0.40 3.61 -0.34
H13A PBH C . -0.09 3.74 1.35
H14 PBH C . 2.82 3.03 0.41
H14A PBH C . 2.31 3.12 2.10
H15 PBH C . 1.27 1.25 -0.14
H15A PBH C . 0.60 1.27 1.40
H18 PBH C . 0.58 -0.77 0.26
H19 PBH C . 4.21 -1.24 2.42
H1AA PBH C . -2.87 9.58 1.96
H20 PBH C . 0.56 -3.10 -0.21
H21 PBH C . 4.14 -3.68 2.10
H26 PBH C . -0.02 -7.69 -1.02
H27 PBH C . 3.92 -8.67 1.70
H29 PBH C . 2.81 -10.50 0.56
H2D PBH C . -5.69 11.17 -0.41
H2DA PBH C . -5.17 12.60 0.44
H30 PBH C . -0.35 -11.73 -0.02
H30A PBH C . 1.35 -11.78 0.40
H31 PBH C . -1.33 -10.07 -1.79
H31A PBH C . -0.19 -9.07 -2.54
H32 PBH C . 0.79 -13.66 -1.03
H32A PBH C . 1.92 -12.64 -1.87
H33 PBH C . -0.72 -11.01 -4.03
H33A PBH C . 1.10 -11.06 -3.61
H34 PBH C . 0.35 -14.63 -3.10
H34A PBH C . -0.91 -13.75 -4.00
H34B PBH C . 0.77 -13.38 -4.34
HN40 PBH C . 0.73 -5.11 -0.65
H6D PBH C . 0.91 9.47 -0.24
C1 PBH C . -5.05 10.31 1.23
O2 PBH C . 2.64 7.81 0.63
C3 PBH C . -3.61 11.45 -0.30
N4 PBH C . -2.95 10.24 0.18
O4 PBH C . 2.69 0.67 1.80
N5 PBH C . 0.63 -9.78 -1.62
O5 PBH C . -1.02 10.94 -0.57
N6 PBH C . -0.59 -12.20 -2.73
C7 PBH C . 1.25 7.73 0.75
C9 PBH C . -0.76 6.43 0.77
N10 PBH C . -2.91 7.31 0.46
C11 PBH C . -3.99 8.14 0.92
C12 PBH C . 3.16 8.57 -0.51
C13 PBH C . 0.79 4.10 1.51
O13 PBH C . 1.44 5.35 1.09
C14 PBH C . 1.99 3.17 1.65
C15 PBH C . 1.63 1.66 1.33
C17 PBH C . 2.43 -0.74 1.61
C18 PBH C . 1.51 -1.11 0.62
C19 PBH C . 3.13 -1.69 2.24
C1A PBH C . -3.70 9.53 1.22
C20 PBH C . 1.32 -2.44 0.41
C21 PBH C . 2.95 -3.02 2.04
C22 PBH C . 2.01 -3.49 1.13
C23 PBH C . 1.80 -4.84 0.82
C24 PBH C . 1.21 -6.63 -0.12
C25 PBH C . 2.08 -6.89 0.93
C26 PBH C . 0.74 -7.51 -0.97
C27 PBH C . 2.44 -8.18 1.18
C28 PBH C . 1.11 -8.84 -0.75
C29 PBH C . 1.99 -9.15 0.29
C2D PBH C . -5.07 11.32 0.15
C30 PBH C . -0.70 -9.81 -2.19
N30 PBH C . 2.43 -5.79 1.57
C31 PBH C . 1.48 -10.83 -2.23
C32 PBH C . -1.41 -11.18 -2.12
C33 PBH C . 0.70 -12.16 -2.03
C34 PBH C . -1.33 -13.47 -2.40
N40 PBH C . 0.95 -5.32 -0.09
C5A PBH C . -0.92 8.78 0.33
C5D PBH C . -1.63 9.99 -0.11
C6D PBH C . 0.49 8.81 0.38
C8D PBH C . 0.64 6.51 0.92
C9A PBH C . -1.56 7.54 0.56
H1 PBH C . -5.86 9.63 1.12
H1A PBH C . -5.13 10.86 2.17
H3 PBH C . -3.52 11.57 -1.30
H3A PBH C . -3.18 12.41 0.24
H9 PBH C . -1.23 5.50 0.95
HN10 PBH C . -3.13 6.35 0.27
H11 PBH C . -4.86 8.04 0.18
H12 PBH C . 3.04 9.61 -0.42
H12A PBH C . 4.19 8.37 -0.53
H12B PBH C . 2.70 8.26 -1.43
H13 PBH C . -0.01 3.78 0.82
H13A PBH C . 0.42 4.27 2.53
H14 PBH C . 2.81 3.41 1.01
H14A PBH C . 2.36 3.17 2.67
H15 PBH C . 1.41 1.60 0.20
H15A PBH C . 0.68 1.34 1.82
H18 PBH C . 1.09 -0.40 -0.07
H19 PBH C . 3.94 -1.24 2.83
H1AA PBH C . -3.17 9.61 2.25
H20 PBH C . 0.65 -2.67 -0.45
H21 PBH C . 3.54 -3.77 2.65
H26 PBH C . 0.15 -7.13 -1.84
H27 PBH C . 2.94 -8.47 2.16
H29 PBH C . 2.33 -10.19 0.48
H2D PBH C . -5.70 10.96 -0.68
H2DA PBH C . -5.48 12.24 0.58
H30 PBH C . -0.63 -9.61 -3.24
H30A PBH C . -1.33 -9.07 -1.78
H31 PBH C . 1.56 -10.60 -3.24
H31A PBH C . 2.51 -10.89 -1.75
H32 PBH C . -2.38 -11.20 -2.72
H32A PBH C . -1.56 -11.55 -1.06
H33 PBH C . 1.30 -12.94 -2.52
H33A PBH C . 0.73 -12.56 -1.09
H34 PBH C . -0.65 -14.30 -2.67
H34A PBH C . -1.57 -13.47 -1.34
H34B PBH C . -2.26 -13.58 -2.99
HN40 PBH C . 0.52 -4.69 -0.87
H6D PBH C . 0.94 9.77 0.15
#